data_4C7H
#
_entry.id   4C7H
#
_cell.length_a   48.659
_cell.length_b   91.131
_cell.length_c   53.777
_cell.angle_alpha   90.00
_cell.angle_beta   113.85
_cell.angle_gamma   90.00
#
_symmetry.space_group_name_H-M   'P 1 21 1'
#
loop_
_entity.id
_entity.type
_entity.pdbx_description
1 polymer 'GLYCYLPEPTIDE N-TETRADECANOYLTRANSFERASE'
2 non-polymer 'MAGNESIUM ION'
3 non-polymer N-(10-aminodecanoyl)-L-seryl-N-(2-cyclohexylethyl)-L-lysinamide
4 non-polymer 'COENZYME A'
5 non-polymer TETRADECANOYL-COA
6 non-polymer N-{(5E)-10-[(9E)-tetradec-9-enoylamino]dec-5-enoyl}-L-seryl-N-(2-cyclohexylethyl)-L-lysinamide
7 non-polymer 'DIMETHYL SULFOXIDE'
8 water water
#
_entity_poly.entity_id   1
_entity_poly.type   'polypeptide(L)'
_entity_poly.pdbx_seq_one_letter_code
;AHAFWSTQPVPQTEDETEKIVFAGPMDEPKTVADIPEEPYPIASTFEWWTPNMEAADDIHAIYELLRDNYVEDDDSMFRF
NYSEEFLQWALCPPNYIPDWHVAVRRKADKKLLAFIAGVPVTLRMGTPKYMKVKAQEKGEGEEAAKYDEPRHICEINFLC
VHKQLREKRLAPILIKEATRRVNRTNVWQAVYTAGVLLPTPYASGQYFHRSLNPEKLVEIRFSGIPAQYQKFQNPMAMLK
RNYQLPSAPKNSGLREMKPSDVPQVRRILMNYLDSFDVGPVFSDAEISHYLLPRDGVVFTYVVENDKKVTDFFSFYRIPS
TVIGNSNYNLLNAAYVHYYAATSIPLHQLILDLLIVAHSRGFDVCNMVEILDNRSFVEQLKFGAGDGHLRYYFYNWAYPK
IKPSQVALVML
;
_entity_poly.pdbx_strand_id   A
#
# COMPACT_ATOMS: atom_id res chain seq x y z
N ALA A 1 -2.77 -28.32 5.32
CA ALA A 1 -1.66 -27.39 4.92
C ALA A 1 -1.58 -26.02 5.67
N HIS A 2 -2.71 -25.43 6.08
CA HIS A 2 -2.67 -24.07 6.78
C HIS A 2 -3.29 -24.15 8.16
N ALA A 3 -2.49 -24.52 9.16
CA ALA A 3 -3.02 -24.73 10.50
C ALA A 3 -3.70 -23.47 11.03
N PHE A 4 -3.17 -22.26 10.70
CA PHE A 4 -3.86 -21.07 11.19
C PHE A 4 -4.89 -20.57 10.18
N TRP A 5 -4.52 -20.40 8.91
CA TRP A 5 -5.51 -19.81 8.00
C TRP A 5 -6.79 -20.64 7.74
N SER A 6 -6.70 -21.99 7.84
CA SER A 6 -7.90 -22.82 7.70
C SER A 6 -8.94 -22.57 8.83
N THR A 7 -8.50 -21.88 9.89
CA THR A 7 -9.43 -21.54 11.05
C THR A 7 -10.10 -20.21 10.91
N GLN A 8 -9.75 -19.48 9.84
CA GLN A 8 -10.14 -18.04 9.72
C GLN A 8 -11.19 -17.85 8.69
N PRO A 9 -11.98 -16.74 8.84
CA PRO A 9 -13.13 -16.47 7.98
C PRO A 9 -12.61 -15.77 6.69
N VAL A 10 -11.92 -16.51 5.85
CA VAL A 10 -11.44 -16.09 4.52
C VAL A 10 -11.66 -17.19 3.49
N PRO A 11 -11.84 -16.90 2.19
CA PRO A 11 -12.00 -17.93 1.19
C PRO A 11 -10.76 -18.82 1.21
N GLN A 12 -11.01 -20.15 1.13
CA GLN A 12 -9.91 -21.09 1.36
C GLN A 12 -9.17 -21.48 0.09
N THR A 13 -9.83 -21.39 -1.08
CA THR A 13 -9.16 -21.79 -2.33
C THR A 13 -9.61 -20.83 -3.40
N GLU A 14 -8.89 -20.84 -4.53
CA GLU A 14 -9.26 -20.14 -5.79
CA GLU A 14 -9.30 -20.04 -5.67
C GLU A 14 -10.60 -20.69 -6.29
N ASP A 15 -10.79 -22.00 -6.14
CA ASP A 15 -12.06 -22.63 -6.61
C ASP A 15 -13.26 -22.06 -5.89
N GLU A 16 -13.08 -21.80 -4.61
CA GLU A 16 -14.14 -21.25 -3.76
C GLU A 16 -14.41 -19.79 -4.19
N THR A 17 -13.30 -19.12 -4.48
CA THR A 17 -13.32 -17.68 -4.90
C THR A 17 -14.01 -17.52 -6.24
N GLU A 18 -13.76 -18.45 -7.16
CA GLU A 18 -14.45 -18.35 -8.47
CA GLU A 18 -14.44 -18.40 -8.49
C GLU A 18 -15.99 -18.59 -8.39
N LYS A 19 -16.47 -19.22 -7.31
CA LYS A 19 -17.93 -19.45 -7.01
C LYS A 19 -18.66 -18.21 -6.41
N ILE A 20 -17.90 -17.32 -5.76
CA ILE A 20 -18.46 -16.09 -5.09
C ILE A 20 -19.03 -15.12 -6.08
N VAL A 21 -20.30 -14.77 -5.84
CA VAL A 21 -21.01 -14.02 -6.82
C VAL A 21 -21.41 -12.65 -6.18
N PHE A 22 -21.47 -12.57 -4.84
CA PHE A 22 -21.90 -11.27 -4.18
C PHE A 22 -20.89 -10.85 -3.12
N ALA A 23 -20.70 -9.56 -2.95
CA ALA A 23 -20.04 -9.18 -1.71
C ALA A 23 -20.79 -9.41 -0.41
N GLY A 24 -20.07 -9.77 0.64
CA GLY A 24 -20.58 -9.82 1.91
C GLY A 24 -19.75 -10.62 2.93
N PRO A 25 -20.17 -10.63 4.21
CA PRO A 25 -19.39 -11.28 5.28
C PRO A 25 -19.26 -12.78 5.10
N MET A 26 -18.21 -13.34 5.71
CA MET A 26 -17.95 -14.80 5.75
CA MET A 26 -18.08 -14.78 5.75
C MET A 26 -18.44 -15.38 7.09
N ASP A 27 -18.17 -14.76 8.20
CA ASP A 27 -18.21 -15.32 9.61
C ASP A 27 -19.59 -15.29 10.21
N GLU A 28 -19.70 -15.85 11.43
CA GLU A 28 -20.94 -15.73 12.24
C GLU A 28 -21.20 -14.20 12.50
N PRO A 29 -22.42 -13.59 12.12
CA PRO A 29 -22.60 -12.24 12.72
C PRO A 29 -22.34 -12.39 14.23
N LYS A 30 -21.45 -11.56 14.81
CA LYS A 30 -21.14 -11.50 16.19
C LYS A 30 -21.32 -10.16 16.67
N THR A 31 -21.38 -10.04 17.96
CA THR A 31 -21.39 -8.73 18.57
C THR A 31 -20.29 -8.44 19.49
N VAL A 32 -20.10 -7.17 19.77
CA VAL A 32 -19.04 -6.74 20.61
C VAL A 32 -18.98 -7.43 21.98
N ALA A 33 -20.15 -7.56 22.63
CA ALA A 33 -20.15 -8.16 23.95
C ALA A 33 -19.73 -9.69 23.95
N ASP A 34 -19.80 -10.30 22.76
CA ASP A 34 -19.34 -11.68 22.70
C ASP A 34 -17.85 -11.80 22.73
N ILE A 35 -17.09 -10.75 22.36
CA ILE A 35 -15.62 -10.84 22.21
C ILE A 35 -14.94 -10.76 23.50
N PRO A 36 -13.91 -11.57 23.78
CA PRO A 36 -13.22 -11.48 25.01
C PRO A 36 -12.72 -10.13 25.41
N GLU A 37 -12.92 -9.76 26.64
CA GLU A 37 -12.42 -8.44 27.06
C GLU A 37 -10.96 -8.45 27.45
N GLU A 38 -10.41 -9.67 27.72
CA GLU A 38 -9.02 -9.84 28.17
C GLU A 38 -8.15 -10.11 26.92
N PRO A 39 -6.93 -9.57 26.88
CA PRO A 39 -5.94 -9.88 25.80
C PRO A 39 -5.73 -11.38 25.64
N TYR A 40 -5.50 -11.76 24.39
CA TYR A 40 -5.25 -13.16 24.08
C TYR A 40 -4.07 -13.65 24.96
N PRO A 41 -4.11 -14.90 25.49
CA PRO A 41 -3.00 -15.44 26.25
C PRO A 41 -1.67 -15.40 25.42
N ILE A 42 -0.61 -15.11 26.15
CA ILE A 42 0.77 -15.10 25.54
C ILE A 42 1.74 -15.64 26.62
N ALA A 43 2.83 -16.29 26.17
CA ALA A 43 3.73 -16.89 27.10
C ALA A 43 4.32 -15.91 28.09
N SER A 44 4.66 -16.37 29.32
CA SER A 44 4.95 -15.51 30.44
C SER A 44 6.21 -14.65 30.28
N THR A 45 7.12 -15.07 29.38
CA THR A 45 8.29 -14.20 29.05
C THR A 45 8.02 -13.07 28.07
N PHE A 46 6.80 -12.99 27.51
CA PHE A 46 6.40 -11.87 26.63
C PHE A 46 5.31 -11.06 27.23
N GLU A 47 5.09 -9.87 26.71
CA GLU A 47 3.98 -9.05 27.12
C GLU A 47 3.41 -8.33 25.88
N TRP A 48 2.15 -8.07 25.85
CA TRP A 48 1.54 -7.16 24.86
C TRP A 48 1.93 -5.76 25.17
N TRP A 49 2.14 -4.97 24.11
CA TRP A 49 2.41 -3.51 24.29
C TRP A 49 1.68 -2.71 23.24
N THR A 50 1.10 -1.58 23.63
CA THR A 50 0.39 -0.66 22.68
C THR A 50 1.28 0.52 22.59
N PRO A 51 2.05 0.69 21.53
CA PRO A 51 3.00 1.83 21.41
C PRO A 51 2.19 3.12 21.40
N ASN A 52 2.85 4.19 21.93
CA ASN A 52 2.30 5.51 21.87
C ASN A 52 2.90 6.24 20.67
N MET A 53 2.08 6.32 19.63
CA MET A 53 2.50 6.93 18.39
CA MET A 53 2.63 6.89 18.41
C MET A 53 2.86 8.44 18.52
N GLU A 54 2.56 9.06 19.67
CA GLU A 54 3.00 10.42 19.99
C GLU A 54 4.37 10.47 20.73
N ALA A 55 4.89 9.30 21.11
CA ALA A 55 6.16 9.11 21.81
C ALA A 55 7.31 8.82 20.67
N ALA A 56 8.35 9.65 20.57
CA ALA A 56 9.45 9.45 19.61
C ALA A 56 10.17 8.22 19.88
N ASP A 57 10.35 7.76 21.13
CA ASP A 57 11.00 6.46 21.37
C ASP A 57 10.25 5.30 20.92
N ASP A 58 8.92 5.38 21.04
CA ASP A 58 8.08 4.27 20.69
C ASP A 58 8.17 4.11 19.13
N ILE A 59 7.98 5.22 18.46
CA ILE A 59 8.16 5.20 16.96
CA ILE A 59 8.16 5.20 16.96
C ILE A 59 9.56 4.70 16.66
N HIS A 60 10.62 5.11 17.37
CA HIS A 60 11.97 4.57 17.11
C HIS A 60 12.12 3.10 17.28
N ALA A 61 11.49 2.57 18.36
CA ALA A 61 11.49 1.10 18.58
C ALA A 61 10.92 0.33 17.37
N ILE A 62 9.77 0.81 16.89
CA ILE A 62 9.09 0.16 15.80
C ILE A 62 10.01 0.35 14.57
N TYR A 63 10.55 1.57 14.35
CA TYR A 63 11.46 1.78 13.25
C TYR A 63 12.62 0.80 13.16
N GLU A 64 13.25 0.53 14.33
CA GLU A 64 14.39 -0.39 14.33
C GLU A 64 13.96 -1.82 14.08
N LEU A 65 12.84 -2.26 14.64
CA LEU A 65 12.34 -3.58 14.31
C LEU A 65 12.20 -3.79 12.80
N LEU A 66 11.49 -2.81 12.18
CA LEU A 66 11.24 -2.94 10.72
C LEU A 66 12.54 -2.73 9.95
N ARG A 67 13.44 -1.77 10.29
CA ARG A 67 14.66 -1.63 9.50
C ARG A 67 15.44 -2.95 9.46
N ASP A 68 15.46 -3.70 10.60
CA ASP A 68 16.28 -4.94 10.59
C ASP A 68 15.57 -6.22 10.25
N ASN A 69 14.24 -6.22 10.27
CA ASN A 69 13.46 -7.49 10.13
C ASN A 69 12.26 -7.47 9.15
N TYR A 70 12.01 -6.34 8.51
CA TYR A 70 10.83 -6.29 7.64
C TYR A 70 11.12 -6.86 6.23
N VAL A 71 10.23 -6.56 5.27
CA VAL A 71 10.22 -7.34 4.06
C VAL A 71 11.49 -7.04 3.21
N GLU A 72 12.00 -8.15 2.62
CA GLU A 72 13.11 -8.11 1.65
C GLU A 72 12.67 -8.52 0.29
N ASP A 73 13.45 -8.22 -0.76
CA ASP A 73 13.07 -8.84 -2.07
C ASP A 73 13.39 -10.35 -1.95
N ASP A 74 13.00 -11.09 -3.03
CA ASP A 74 13.15 -12.56 -2.89
CA ASP A 74 13.13 -12.57 -3.03
C ASP A 74 14.59 -13.02 -2.90
N ASP A 75 15.55 -12.16 -3.25
CA ASP A 75 16.94 -12.59 -3.13
C ASP A 75 17.73 -12.03 -1.98
N SER A 76 17.00 -11.37 -1.07
CA SER A 76 17.63 -10.83 0.11
C SER A 76 18.75 -9.84 -0.18
N MET A 77 18.46 -8.91 -1.12
CA MET A 77 19.36 -7.90 -1.45
C MET A 77 18.97 -6.50 -0.99
N PHE A 78 17.67 -6.31 -0.71
CA PHE A 78 17.08 -4.99 -0.39
C PHE A 78 16.08 -5.24 0.72
N ARG A 79 16.09 -4.41 1.72
CA ARG A 79 15.04 -4.53 2.80
C ARG A 79 14.46 -3.12 2.99
N PHE A 80 13.14 -3.05 3.11
CA PHE A 80 12.55 -1.70 3.34
C PHE A 80 13.14 -1.02 4.57
N ASN A 81 13.28 0.31 4.43
CA ASN A 81 13.77 1.14 5.58
C ASN A 81 12.82 2.32 5.75
N TYR A 82 11.57 2.02 6.07
CA TYR A 82 10.59 3.07 6.37
C TYR A 82 11.12 4.03 7.43
N SER A 83 10.96 5.31 7.18
CA SER A 83 11.54 6.25 8.16
C SER A 83 10.61 6.44 9.37
N GLU A 84 11.18 7.01 10.45
CA GLU A 84 10.33 7.33 11.60
C GLU A 84 9.23 8.33 11.26
N GLU A 85 9.55 9.37 10.46
CA GLU A 85 8.54 10.32 10.04
C GLU A 85 7.42 9.66 9.18
N PHE A 86 7.83 8.71 8.31
CA PHE A 86 6.82 8.02 7.53
C PHE A 86 5.99 7.16 8.37
N LEU A 87 6.54 6.48 9.42
CA LEU A 87 5.66 5.61 10.21
C LEU A 87 4.68 6.43 11.07
N GLN A 88 5.09 7.62 11.53
CA GLN A 88 4.17 8.46 12.29
CA GLN A 88 4.17 8.43 12.29
C GLN A 88 3.02 8.89 11.37
N TRP A 89 3.35 9.28 10.13
CA TRP A 89 2.28 9.61 9.14
C TRP A 89 1.34 8.48 8.83
N ALA A 90 1.92 7.28 8.52
CA ALA A 90 1.11 6.14 8.08
C ALA A 90 0.27 5.57 9.22
N LEU A 91 0.75 5.61 10.44
CA LEU A 91 0.11 4.94 11.60
C LEU A 91 -0.90 5.87 12.24
N CYS A 92 -0.87 7.17 11.99
CA CYS A 92 -1.68 8.16 12.79
C CYS A 92 -2.58 9.01 11.88
N PRO A 93 -3.43 8.44 11.02
CA PRO A 93 -4.34 9.24 10.18
C PRO A 93 -5.48 9.73 11.12
N PRO A 94 -6.36 10.61 10.60
CA PRO A 94 -7.51 11.18 11.40
C PRO A 94 -8.32 10.06 12.02
N ASN A 95 -8.59 10.23 13.34
CA ASN A 95 -9.45 9.24 14.03
C ASN A 95 -8.83 7.87 14.09
N TYR A 96 -7.49 7.82 14.05
CA TYR A 96 -6.86 6.49 14.26
C TYR A 96 -7.15 6.02 15.69
N ILE A 97 -7.10 4.70 15.88
CA ILE A 97 -7.41 4.04 17.17
C ILE A 97 -6.10 3.53 17.68
N PRO A 98 -5.57 4.11 18.73
CA PRO A 98 -4.31 3.72 19.29
C PRO A 98 -4.20 2.16 19.57
N ASP A 99 -5.30 1.62 20.09
CA ASP A 99 -5.29 0.18 20.45
C ASP A 99 -5.20 -0.76 19.27
N TRP A 100 -5.35 -0.26 18.03
CA TRP A 100 -5.23 -1.14 16.80
C TRP A 100 -3.80 -1.33 16.47
N HIS A 101 -2.87 -0.71 17.15
CA HIS A 101 -1.44 -0.92 16.93
C HIS A 101 -0.99 -1.87 18.00
N VAL A 102 -0.47 -3.04 17.60
CA VAL A 102 -0.30 -4.20 18.57
C VAL A 102 1.16 -4.63 18.52
N ALA A 103 1.85 -4.75 19.65
CA ALA A 103 3.21 -5.17 19.64
C ALA A 103 3.42 -6.23 20.74
N VAL A 104 4.47 -7.01 20.58
CA VAL A 104 4.92 -7.99 21.63
C VAL A 104 6.33 -7.54 21.99
N ARG A 105 6.60 -7.42 23.34
CA ARG A 105 7.92 -7.15 23.85
C ARG A 105 8.39 -8.30 24.73
N ARG A 106 9.65 -8.54 24.78
CA ARG A 106 10.15 -9.45 25.74
C ARG A 106 10.09 -8.75 27.10
N LYS A 107 9.57 -9.42 28.13
CA LYS A 107 9.10 -8.72 29.29
C LYS A 107 10.34 -8.29 30.09
N ALA A 108 11.37 -9.14 30.06
CA ALA A 108 12.67 -8.88 30.72
C ALA A 108 13.18 -7.51 30.42
N ASP A 109 13.61 -7.27 29.16
CA ASP A 109 14.32 -6.04 28.67
C ASP A 109 13.47 -5.10 27.82
N LYS A 110 12.22 -5.47 27.62
CA LYS A 110 11.34 -4.70 26.76
C LYS A 110 11.81 -4.63 25.30
N LYS A 111 12.65 -5.57 24.85
CA LYS A 111 12.94 -5.76 23.40
C LYS A 111 11.63 -5.99 22.53
N LEU A 112 11.44 -5.19 21.47
CA LEU A 112 10.27 -5.33 20.57
C LEU A 112 10.60 -6.50 19.72
N LEU A 113 9.73 -7.50 19.82
CA LEU A 113 9.85 -8.76 19.06
C LEU A 113 8.91 -8.85 17.90
N ALA A 114 7.77 -8.13 17.91
CA ALA A 114 6.80 -8.35 16.85
C ALA A 114 5.86 -7.17 16.82
N PHE A 115 5.24 -6.92 15.66
CA PHE A 115 4.43 -5.71 15.56
C PHE A 115 3.43 -5.97 14.46
N ILE A 116 2.21 -5.34 14.54
CA ILE A 116 1.25 -5.30 13.42
C ILE A 116 0.43 -4.01 13.68
N ALA A 117 0.02 -3.35 12.58
CA ALA A 117 -0.66 -2.09 12.73
C ALA A 117 -1.97 -2.13 12.01
N GLY A 118 -3.02 -1.52 12.60
CA GLY A 118 -4.30 -1.38 11.97
C GLY A 118 -4.63 0.11 11.96
N VAL A 119 -5.20 0.61 10.87
CA VAL A 119 -5.72 1.98 10.82
C VAL A 119 -7.09 1.93 10.22
N PRO A 120 -7.92 2.99 10.51
CA PRO A 120 -9.25 3.02 9.87
C PRO A 120 -9.20 3.28 8.39
N VAL A 121 -10.09 2.77 7.59
CA VAL A 121 -10.24 3.17 6.25
C VAL A 121 -11.73 3.04 5.92
N THR A 122 -12.29 3.96 5.15
CA THR A 122 -13.71 3.87 4.65
C THR A 122 -13.65 3.37 3.26
N LEU A 123 -14.11 2.11 3.03
CA LEU A 123 -13.84 1.46 1.76
C LEU A 123 -15.19 1.15 1.04
N ARG A 124 -15.23 1.41 -0.23
CA ARG A 124 -16.35 0.84 -1.05
C ARG A 124 -15.84 -0.55 -1.39
N MET A 125 -16.70 -1.54 -1.02
CA MET A 125 -16.35 -2.94 -1.18
C MET A 125 -17.62 -3.74 -1.45
N GLY A 126 -18.57 -3.04 -2.13
CA GLY A 126 -19.75 -3.87 -2.60
C GLY A 126 -19.50 -4.62 -3.87
N THR A 127 -20.50 -5.44 -4.29
CA THR A 127 -20.37 -6.27 -5.42
C THR A 127 -19.85 -5.53 -6.64
N PRO A 128 -18.86 -6.11 -7.33
CA PRO A 128 -18.30 -5.34 -8.44
C PRO A 128 -19.14 -5.30 -9.69
N LYS A 129 -18.84 -4.39 -10.60
CA LYS A 129 -19.75 -4.12 -11.74
C LYS A 129 -20.08 -5.35 -12.54
N TYR A 130 -19.03 -6.11 -12.90
CA TYR A 130 -19.29 -7.29 -13.77
C TYR A 130 -20.23 -8.27 -13.05
N MET A 131 -20.11 -8.43 -11.75
CA MET A 131 -21.00 -9.31 -10.98
C MET A 131 -22.35 -8.75 -10.79
N LYS A 132 -22.48 -7.46 -10.71
CA LYS A 132 -23.83 -6.85 -10.55
C LYS A 132 -24.64 -7.09 -11.83
N VAL A 133 -23.97 -7.16 -12.96
CA VAL A 133 -24.67 -7.48 -14.23
C VAL A 133 -25.17 -8.89 -14.24
N LYS A 134 -24.36 -9.88 -13.89
CA LYS A 134 -24.89 -11.24 -13.81
C LYS A 134 -26.11 -11.30 -12.86
N ALA A 135 -26.06 -10.52 -11.77
CA ALA A 135 -27.15 -10.49 -10.75
C ALA A 135 -28.43 -10.04 -11.39
N GLN A 136 -28.36 -8.98 -12.15
CA GLN A 136 -29.53 -8.44 -12.80
C GLN A 136 -30.20 -9.51 -13.67
N GLU A 137 -29.34 -10.24 -14.38
CA GLU A 137 -29.71 -11.32 -15.29
C GLU A 137 -30.45 -12.47 -14.51
N LYS A 138 -30.04 -12.74 -13.28
CA LYS A 138 -30.71 -13.80 -12.53
C LYS A 138 -31.90 -13.29 -11.71
N GLY A 139 -32.12 -12.00 -11.68
CA GLY A 139 -33.18 -11.44 -10.89
C GLY A 139 -32.74 -11.31 -9.40
N GLU A 140 -31.42 -11.27 -9.19
CA GLU A 140 -30.78 -11.17 -7.82
C GLU A 140 -30.15 -9.80 -7.55
N GLY A 141 -30.71 -8.72 -8.10
CA GLY A 141 -30.11 -7.38 -7.88
C GLY A 141 -30.13 -6.98 -6.42
N GLU A 142 -31.19 -7.34 -5.68
CA GLU A 142 -31.20 -6.85 -4.30
C GLU A 142 -30.06 -7.50 -3.44
N GLU A 143 -29.85 -8.79 -3.56
CA GLU A 143 -28.76 -9.53 -2.85
C GLU A 143 -27.41 -8.86 -3.20
N ALA A 144 -27.27 -8.49 -4.47
CA ALA A 144 -26.02 -7.96 -5.00
C ALA A 144 -25.75 -6.60 -4.53
N ALA A 145 -26.77 -5.83 -4.18
CA ALA A 145 -26.61 -4.45 -3.68
C ALA A 145 -26.57 -4.31 -2.19
N LYS A 146 -26.75 -5.42 -1.49
CA LYS A 146 -26.94 -5.31 -0.10
C LYS A 146 -25.86 -4.56 0.67
N TYR A 147 -24.60 -4.76 0.21
CA TYR A 147 -23.45 -4.20 0.95
C TYR A 147 -22.76 -3.11 0.12
N ASP A 148 -23.54 -2.37 -0.70
CA ASP A 148 -22.99 -1.25 -1.45
C ASP A 148 -22.47 -0.07 -0.66
N GLU A 149 -23.01 0.19 0.55
CA GLU A 149 -22.65 1.40 1.27
C GLU A 149 -21.11 1.31 1.66
N PRO A 150 -20.40 2.40 1.51
CA PRO A 150 -18.93 2.38 2.05
C PRO A 150 -18.86 2.01 3.49
N ARG A 151 -17.93 1.12 3.80
CA ARG A 151 -17.85 0.60 5.13
C ARG A 151 -16.62 1.06 5.91
N HIS A 152 -16.77 1.31 7.20
CA HIS A 152 -15.65 1.76 8.02
C HIS A 152 -14.98 0.53 8.50
N ILE A 153 -13.80 0.18 7.97
CA ILE A 153 -13.11 -1.13 8.32
C ILE A 153 -11.70 -0.79 8.78
N CYS A 154 -10.93 -1.88 8.88
CA CYS A 154 -9.49 -1.80 9.36
C CYS A 154 -8.58 -2.17 8.21
N GLU A 155 -7.57 -1.31 7.97
CA GLU A 155 -6.46 -1.64 7.02
C GLU A 155 -5.27 -2.04 7.83
N ILE A 156 -4.77 -3.28 7.59
CA ILE A 156 -3.61 -3.89 8.32
C ILE A 156 -2.34 -3.76 7.54
N ASN A 157 -1.24 -3.44 8.23
CA ASN A 157 0.07 -3.28 7.55
C ASN A 157 1.10 -3.48 8.60
N PHE A 158 2.37 -3.67 8.11
CA PHE A 158 3.55 -3.62 8.89
C PHE A 158 3.66 -4.86 9.83
N LEU A 159 3.05 -5.99 9.46
CA LEU A 159 3.27 -7.21 10.28
C LEU A 159 4.74 -7.62 10.24
N CYS A 160 5.28 -7.84 11.41
CA CYS A 160 6.75 -8.18 11.39
C CYS A 160 7.07 -8.94 12.65
N VAL A 161 7.78 -10.05 12.48
CA VAL A 161 8.26 -10.85 13.64
C VAL A 161 9.81 -10.79 13.49
N HIS A 162 10.48 -10.49 14.57
CA HIS A 162 11.96 -10.46 14.61
C HIS A 162 12.59 -11.76 14.05
N LYS A 163 13.64 -11.58 13.23
CA LYS A 163 14.23 -12.78 12.62
C LYS A 163 14.60 -13.96 13.59
N GLN A 164 14.88 -13.61 14.84
CA GLN A 164 15.27 -14.67 15.82
C GLN A 164 14.08 -15.44 16.31
N LEU A 165 12.88 -14.92 16.05
CA LEU A 165 11.62 -15.56 16.52
CA LEU A 165 11.63 -15.56 16.53
C LEU A 165 10.80 -16.16 15.40
N ARG A 166 11.40 -16.29 14.23
CA ARG A 166 10.66 -16.79 13.06
C ARG A 166 10.25 -18.24 13.26
N GLU A 167 9.14 -18.63 12.66
CA GLU A 167 8.60 -19.98 12.53
C GLU A 167 8.36 -20.55 13.92
N LYS A 168 8.01 -19.72 14.89
CA LYS A 168 7.55 -20.16 16.19
C LYS A 168 6.03 -19.93 16.40
N ARG A 169 5.29 -19.67 15.32
CA ARG A 169 3.86 -19.43 15.42
C ARG A 169 3.53 -18.16 16.22
N LEU A 170 4.44 -17.15 16.28
CA LEU A 170 4.13 -15.88 16.87
C LEU A 170 3.13 -15.01 15.99
N ALA A 171 3.26 -15.12 14.67
CA ALA A 171 2.40 -14.27 13.76
C ALA A 171 0.95 -14.61 14.00
N PRO A 172 0.50 -15.83 14.09
CA PRO A 172 -0.93 -16.07 14.33
C PRO A 172 -1.39 -15.44 15.69
N ILE A 173 -0.60 -15.46 16.73
CA ILE A 173 -1.04 -14.92 18.02
C ILE A 173 -1.21 -13.41 17.85
N LEU A 174 -0.30 -12.75 17.10
CA LEU A 174 -0.37 -11.32 16.90
C LEU A 174 -1.63 -11.02 16.08
N ILE A 175 -1.92 -11.78 15.04
CA ILE A 175 -3.11 -11.60 14.19
C ILE A 175 -4.40 -11.78 15.02
N LYS A 176 -4.42 -12.79 15.88
CA LYS A 176 -5.65 -13.02 16.72
C LYS A 176 -5.84 -11.88 17.67
N GLU A 177 -4.81 -11.32 18.28
CA GLU A 177 -4.95 -10.21 19.21
C GLU A 177 -5.36 -8.93 18.46
N ALA A 178 -4.78 -8.65 17.32
CA ALA A 178 -5.31 -7.51 16.48
C ALA A 178 -6.73 -7.71 16.14
N THR A 179 -7.14 -8.90 15.76
CA THR A 179 -8.52 -9.12 15.37
C THR A 179 -9.42 -8.77 16.60
N ARG A 180 -9.05 -9.30 17.76
CA ARG A 180 -9.83 -9.11 19.02
C ARG A 180 -10.02 -7.60 19.23
N ARG A 181 -8.90 -6.82 19.19
CA ARG A 181 -8.95 -5.34 19.47
CA ARG A 181 -8.95 -5.34 19.46
C ARG A 181 -9.82 -4.63 18.43
N VAL A 182 -9.73 -5.04 17.20
CA VAL A 182 -10.59 -4.44 16.18
C VAL A 182 -12.08 -4.78 16.33
N ASN A 183 -12.39 -6.07 16.63
CA ASN A 183 -13.77 -6.53 16.83
C ASN A 183 -14.34 -5.85 18.11
N ARG A 184 -13.52 -5.54 19.10
CA ARG A 184 -13.97 -4.84 20.33
CA ARG A 184 -13.99 -4.84 20.32
C ARG A 184 -14.44 -3.42 19.97
N THR A 185 -13.99 -2.87 18.81
CA THR A 185 -14.49 -1.57 18.37
C THR A 185 -15.61 -1.77 17.36
N ASN A 186 -16.33 -2.92 17.20
CA ASN A 186 -17.38 -3.10 16.33
C ASN A 186 -17.03 -2.97 14.85
N VAL A 187 -15.76 -3.46 14.52
CA VAL A 187 -15.38 -3.54 13.11
C VAL A 187 -14.99 -5.05 12.86
N TRP A 188 -15.44 -5.57 11.71
CA TRP A 188 -15.46 -6.99 11.49
C TRP A 188 -14.84 -7.40 10.20
N GLN A 189 -14.43 -6.42 9.34
CA GLN A 189 -13.62 -6.66 8.17
C GLN A 189 -12.27 -5.90 8.24
N ALA A 190 -11.37 -6.51 7.51
CA ALA A 190 -10.06 -5.79 7.26
C ALA A 190 -9.70 -6.00 5.83
N VAL A 191 -8.77 -5.09 5.35
CA VAL A 191 -8.17 -5.19 4.06
C VAL A 191 -6.64 -5.18 4.31
N TYR A 192 -5.93 -6.02 3.53
CA TYR A 192 -4.41 -6.07 3.66
C TYR A 192 -3.92 -6.53 2.33
N THR A 193 -2.63 -6.22 2.17
CA THR A 193 -1.87 -6.71 0.99
C THR A 193 -0.64 -7.52 1.44
N ALA A 194 -0.17 -8.37 0.52
CA ALA A 194 1.10 -9.09 0.79
C ALA A 194 1.71 -9.35 -0.54
N GLY A 195 3.06 -9.55 -0.52
CA GLY A 195 3.78 -10.00 -1.70
C GLY A 195 3.65 -11.50 -1.88
N VAL A 196 3.34 -12.23 -0.83
CA VAL A 196 3.28 -13.68 -0.87
C VAL A 196 1.83 -14.07 -1.08
N LEU A 197 1.63 -15.28 -1.57
CA LEU A 197 0.32 -15.87 -1.79
CA LEU A 197 0.32 -15.95 -1.72
C LEU A 197 -0.21 -16.53 -0.49
N LEU A 198 -1.38 -16.11 0.00
CA LEU A 198 -2.03 -16.65 1.19
C LEU A 198 -3.48 -16.94 0.73
N PRO A 199 -4.24 -17.62 1.58
CA PRO A 199 -5.63 -17.86 1.18
C PRO A 199 -6.47 -16.55 1.49
N THR A 200 -7.13 -15.93 0.49
CA THR A 200 -7.01 -16.15 -0.93
C THR A 200 -7.24 -14.70 -1.52
N PRO A 201 -6.38 -14.30 -2.44
CA PRO A 201 -6.54 -12.85 -2.88
C PRO A 201 -7.81 -12.59 -3.70
N TYR A 202 -8.38 -11.39 -3.61
CA TYR A 202 -9.41 -10.96 -4.57
C TYR A 202 -8.83 -10.22 -5.74
N ALA A 203 -7.49 -9.85 -5.69
CA ALA A 203 -6.88 -9.20 -6.85
C ALA A 203 -5.34 -9.36 -6.71
N SER A 204 -4.65 -9.36 -7.81
CA SER A 204 -3.17 -9.48 -7.84
CA SER A 204 -3.17 -9.53 -7.88
C SER A 204 -2.66 -8.73 -9.03
N GLY A 205 -1.52 -8.07 -8.85
CA GLY A 205 -0.84 -7.41 -9.99
C GLY A 205 0.65 -7.37 -9.86
N GLN A 206 1.34 -7.08 -10.94
CA GLN A 206 2.75 -6.97 -10.89
C GLN A 206 3.17 -5.57 -10.37
N TYR A 207 4.39 -5.55 -9.83
CA TYR A 207 5.10 -4.26 -9.65
C TYR A 207 5.81 -3.83 -10.86
N PHE A 208 5.92 -2.50 -11.05
CA PHE A 208 6.60 -1.89 -12.19
C PHE A 208 7.54 -0.86 -11.61
N HIS A 209 8.62 -0.66 -12.37
CA HIS A 209 9.77 0.20 -11.93
C HIS A 209 10.22 1.08 -13.05
N ARG A 210 10.34 2.38 -12.81
CA ARG A 210 10.84 3.37 -13.78
C ARG A 210 12.18 3.87 -13.28
N SER A 211 13.24 3.52 -13.97
CA SER A 211 14.59 3.89 -13.56
CA SER A 211 14.59 3.89 -13.59
C SER A 211 14.83 5.40 -13.70
N LEU A 212 15.33 6.00 -12.61
CA LEU A 212 15.61 7.46 -12.63
C LEU A 212 17.11 7.63 -12.56
N ASN A 213 17.85 6.81 -11.86
CA ASN A 213 19.37 6.87 -11.78
C ASN A 213 19.90 5.51 -12.12
N PRO A 214 19.86 5.17 -13.43
CA PRO A 214 20.27 3.83 -13.83
C PRO A 214 21.71 3.45 -13.48
N GLU A 215 22.65 4.42 -13.39
CA GLU A 215 23.98 3.95 -13.09
C GLU A 215 24.03 3.35 -11.63
N LYS A 216 23.36 4.00 -10.70
CA LYS A 216 23.30 3.48 -9.31
C LYS A 216 22.49 2.17 -9.26
N LEU A 217 21.33 2.14 -9.98
CA LEU A 217 20.50 0.88 -9.92
C LEU A 217 21.30 -0.33 -10.39
N VAL A 218 22.10 -0.13 -11.46
CA VAL A 218 22.96 -1.21 -11.95
C VAL A 218 24.06 -1.56 -10.90
N GLU A 219 24.65 -0.49 -10.34
CA GLU A 219 25.76 -0.73 -9.41
C GLU A 219 25.30 -1.64 -8.22
N ILE A 220 24.08 -1.34 -7.73
CA ILE A 220 23.53 -2.05 -6.50
C ILE A 220 22.79 -3.31 -6.94
N ARG A 221 22.77 -3.66 -8.20
CA ARG A 221 22.11 -4.83 -8.72
CA ARG A 221 22.11 -4.83 -8.74
C ARG A 221 20.59 -4.85 -8.48
N PHE A 222 20.02 -3.66 -8.38
CA PHE A 222 18.54 -3.53 -8.51
C PHE A 222 18.12 -3.83 -9.93
N SER A 223 18.89 -3.42 -10.94
CA SER A 223 18.57 -3.76 -12.36
C SER A 223 19.91 -4.16 -13.02
N GLY A 224 19.89 -4.58 -14.27
CA GLY A 224 21.22 -4.87 -14.86
C GLY A 224 21.27 -4.09 -16.09
N ILE A 225 22.45 -4.14 -16.75
CA ILE A 225 22.47 -3.72 -18.13
C ILE A 225 21.87 -4.87 -18.97
N PRO A 226 20.77 -4.61 -19.63
CA PRO A 226 19.99 -5.63 -20.30
C PRO A 226 20.78 -6.12 -21.56
N ALA A 227 20.67 -7.45 -21.81
CA ALA A 227 21.54 -8.13 -22.82
C ALA A 227 21.56 -7.36 -24.16
N GLN A 228 20.40 -6.89 -24.59
CA GLN A 228 20.33 -6.07 -25.82
C GLN A 228 21.25 -4.84 -25.86
N TYR A 229 21.63 -4.27 -24.72
CA TYR A 229 22.47 -3.05 -24.69
C TYR A 229 23.93 -3.50 -24.90
N GLN A 230 24.08 -4.77 -25.37
CA GLN A 230 25.42 -5.34 -25.70
C GLN A 230 25.86 -5.15 -27.15
N LYS A 231 24.92 -5.23 -28.08
CA LYS A 231 25.17 -4.81 -29.48
C LYS A 231 25.74 -3.34 -29.61
N PHE A 232 25.85 -2.62 -28.45
CA PHE A 232 26.34 -1.20 -28.37
C PHE A 232 27.75 -1.14 -27.80
N GLN A 233 28.53 -0.20 -28.34
CA GLN A 233 29.96 -0.08 -27.95
C GLN A 233 30.04 0.32 -26.49
N ASN A 234 29.06 1.11 -26.09
CA ASN A 234 29.09 1.63 -24.70
C ASN A 234 27.77 1.45 -23.90
N PRO A 235 27.66 0.36 -23.16
CA PRO A 235 26.28 0.18 -22.64
C PRO A 235 25.63 1.23 -21.64
N MET A 236 26.32 1.83 -20.67
CA MET A 236 25.75 2.78 -19.68
C MET A 236 25.37 4.18 -20.17
N ALA A 237 26.17 4.77 -21.12
CA ALA A 237 25.79 6.12 -21.53
C ALA A 237 24.47 6.02 -22.28
N MET A 238 24.36 4.89 -22.98
CA MET A 238 23.09 4.62 -23.73
CA MET A 238 23.16 4.49 -23.71
C MET A 238 21.96 4.37 -22.75
N LEU A 239 22.27 3.68 -21.65
CA LEU A 239 21.19 3.45 -20.64
C LEU A 239 20.76 4.80 -19.99
N LYS A 240 21.71 5.69 -19.59
CA LYS A 240 21.37 6.99 -19.08
C LYS A 240 20.54 7.79 -20.05
N ARG A 241 21.00 7.74 -21.35
CA ARG A 241 20.27 8.48 -22.38
CA ARG A 241 20.29 8.48 -22.37
C ARG A 241 18.80 7.99 -22.44
N ASN A 242 18.67 6.65 -22.40
CA ASN A 242 17.34 6.08 -22.48
C ASN A 242 16.38 6.60 -21.40
N TYR A 243 16.92 6.73 -20.17
CA TYR A 243 16.06 7.14 -19.07
C TYR A 243 16.15 8.60 -18.66
N GLN A 244 16.85 9.43 -19.48
CA GLN A 244 16.95 10.85 -19.09
C GLN A 244 15.64 11.58 -19.08
N LEU A 245 15.51 12.60 -18.21
CA LEU A 245 14.28 13.34 -18.01
C LEU A 245 14.56 14.86 -18.01
N PRO A 246 13.54 15.63 -18.38
CA PRO A 246 13.64 17.07 -18.24
C PRO A 246 14.00 17.51 -16.82
N SER A 247 14.61 18.70 -16.69
CA SER A 247 15.00 19.25 -15.34
C SER A 247 13.77 19.88 -14.66
N ALA A 248 12.74 20.28 -15.38
CA ALA A 248 11.59 20.97 -14.78
C ALA A 248 10.30 20.45 -15.35
N PRO A 249 9.16 20.51 -14.63
CA PRO A 249 7.87 20.01 -15.11
C PRO A 249 7.47 20.66 -16.36
N LYS A 250 6.81 19.94 -17.16
CA LYS A 250 6.37 20.52 -18.47
C LYS A 250 4.98 21.17 -18.34
N ASN A 251 4.06 20.74 -17.47
CA ASN A 251 2.82 21.44 -17.30
C ASN A 251 3.07 22.80 -16.58
N SER A 252 2.91 23.85 -17.38
N SER A 252 2.78 23.97 -17.20
CA SER A 252 2.59 25.03 -16.77
CA SER A 252 3.00 25.34 -16.60
C SER A 252 1.19 24.79 -16.10
C SER A 252 2.43 25.79 -15.22
N GLY A 253 1.26 25.28 -15.00
CA GLY A 253 0.21 25.36 -13.97
C GLY A 253 0.56 24.38 -12.84
N LEU A 254 1.60 23.54 -12.99
CA LEU A 254 1.88 22.63 -11.84
C LEU A 254 2.56 23.39 -10.71
N ARG A 255 2.13 23.10 -9.50
CA ARG A 255 2.82 23.61 -8.28
C ARG A 255 2.62 22.60 -7.11
N GLU A 256 3.31 22.78 -5.98
CA GLU A 256 2.95 21.93 -4.81
C GLU A 256 1.62 22.26 -4.31
N MET A 257 0.97 21.24 -3.80
CA MET A 257 -0.34 21.36 -3.14
C MET A 257 -0.16 22.16 -1.81
N LYS A 258 -1.19 22.98 -1.58
CA LYS A 258 -1.24 23.71 -0.28
C LYS A 258 -2.57 23.44 0.36
N PRO A 259 -2.67 23.83 1.67
CA PRO A 259 -3.90 23.53 2.34
C PRO A 259 -5.20 23.97 1.69
N SER A 260 -5.16 25.19 1.09
CA SER A 260 -6.42 25.62 0.46
C SER A 260 -6.95 24.79 -0.77
N ASP A 261 -6.07 23.86 -1.25
CA ASP A 261 -6.40 22.96 -2.32
C ASP A 261 -7.24 21.76 -1.82
N VAL A 262 -7.33 21.53 -0.56
CA VAL A 262 -7.91 20.24 -0.05
C VAL A 262 -9.31 20.02 -0.61
N PRO A 263 -10.25 21.01 -0.63
CA PRO A 263 -11.56 20.59 -1.06
C PRO A 263 -11.63 20.28 -2.59
N GLN A 264 -10.87 20.96 -3.39
CA GLN A 264 -10.85 20.66 -4.80
C GLN A 264 -10.15 19.32 -5.07
N VAL A 265 -9.04 19.05 -4.40
CA VAL A 265 -8.43 17.69 -4.59
C VAL A 265 -9.35 16.62 -4.10
N ARG A 266 -10.04 16.78 -3.01
CA ARG A 266 -11.03 15.79 -2.60
CA ARG A 266 -11.03 15.78 -2.60
C ARG A 266 -12.09 15.51 -3.68
N ARG A 267 -12.65 16.57 -4.23
CA ARG A 267 -13.70 16.36 -5.21
C ARG A 267 -13.15 15.61 -6.46
N ILE A 268 -12.04 16.05 -7.03
CA ILE A 268 -11.54 15.45 -8.27
C ILE A 268 -11.07 14.01 -7.99
N LEU A 269 -10.48 13.76 -6.82
CA LEU A 269 -10.07 12.36 -6.58
C LEU A 269 -11.28 11.51 -6.34
N MET A 270 -12.26 11.92 -5.54
CA MET A 270 -13.41 11.06 -5.25
C MET A 270 -14.18 10.75 -6.55
N ASN A 271 -14.37 11.76 -7.41
CA ASN A 271 -15.04 11.50 -8.70
CA ASN A 271 -14.95 11.56 -8.75
C ASN A 271 -14.27 10.48 -9.53
N TYR A 272 -12.90 10.58 -9.55
CA TYR A 272 -12.10 9.57 -10.32
C TYR A 272 -12.19 8.19 -9.71
N LEU A 273 -12.06 8.08 -8.41
CA LEU A 273 -12.01 6.76 -7.79
C LEU A 273 -13.36 5.99 -7.91
N ASP A 274 -14.49 6.71 -8.07
CA ASP A 274 -15.77 5.99 -8.40
C ASP A 274 -15.76 5.05 -9.59
N SER A 275 -14.88 5.25 -10.51
CA SER A 275 -14.80 4.36 -11.65
CA SER A 275 -14.66 4.41 -11.67
C SER A 275 -14.18 2.98 -11.31
N PHE A 276 -13.79 2.71 -10.03
CA PHE A 276 -13.17 1.41 -9.68
C PHE A 276 -14.09 0.68 -8.75
N ASP A 277 -13.99 -0.62 -8.78
CA ASP A 277 -14.80 -1.44 -7.91
C ASP A 277 -14.55 -1.32 -6.46
N VAL A 278 -13.24 -1.37 -6.08
CA VAL A 278 -12.86 -1.29 -4.65
C VAL A 278 -11.96 0.01 -4.43
N GLY A 279 -12.43 0.88 -3.54
CA GLY A 279 -11.61 2.10 -3.39
C GLY A 279 -12.03 2.81 -2.13
N PRO A 280 -11.15 3.68 -1.60
CA PRO A 280 -11.38 4.41 -0.41
C PRO A 280 -12.25 5.67 -0.59
N VAL A 281 -12.89 6.03 0.49
CA VAL A 281 -13.68 7.34 0.51
C VAL A 281 -12.89 8.15 1.55
N PHE A 282 -12.45 9.36 1.13
CA PHE A 282 -11.71 10.24 2.07
C PHE A 282 -12.45 11.55 2.39
N SER A 283 -12.39 11.88 3.65
CA SER A 283 -12.98 13.23 4.09
C SER A 283 -11.93 14.27 3.76
N ASP A 284 -12.31 15.52 3.97
CA ASP A 284 -11.32 16.59 3.82
C ASP A 284 -10.14 16.36 4.76
N ALA A 285 -10.35 15.94 6.04
CA ALA A 285 -9.24 15.74 6.95
C ALA A 285 -8.32 14.61 6.47
N GLU A 286 -8.88 13.58 5.89
CA GLU A 286 -8.09 12.42 5.44
C GLU A 286 -7.34 12.88 4.13
N ILE A 287 -7.98 13.63 3.20
CA ILE A 287 -7.17 14.20 2.09
C ILE A 287 -6.00 15.04 2.57
N SER A 288 -6.25 15.98 3.55
CA SER A 288 -5.14 16.77 4.16
CA SER A 288 -5.13 16.75 4.08
C SER A 288 -4.02 15.87 4.67
N HIS A 289 -4.41 14.89 5.49
CA HIS A 289 -3.38 14.05 6.10
C HIS A 289 -2.57 13.26 5.04
N TYR A 290 -3.29 12.58 4.14
CA TYR A 290 -2.56 11.69 3.16
C TYR A 290 -1.90 12.39 2.03
N LEU A 291 -2.31 13.65 1.72
CA LEU A 291 -1.84 14.31 0.46
C LEU A 291 -1.04 15.62 0.70
N LEU A 292 -1.22 16.32 1.87
CA LEU A 292 -0.41 17.55 1.96
C LEU A 292 1.05 17.22 2.08
N PRO A 293 1.93 17.93 1.36
CA PRO A 293 3.35 17.63 1.41
C PRO A 293 3.95 17.50 2.77
N ARG A 294 4.78 16.50 3.01
CA ARG A 294 5.59 16.37 4.23
C ARG A 294 6.98 16.01 3.81
N ASP A 295 8.03 16.81 4.18
CA ASP A 295 9.38 16.59 3.77
C ASP A 295 9.85 15.21 4.09
N GLY A 296 10.42 14.64 3.01
CA GLY A 296 10.98 13.31 3.11
C GLY A 296 9.96 12.14 3.08
N VAL A 297 8.65 12.46 3.02
CA VAL A 297 7.62 11.44 3.22
C VAL A 297 6.65 11.44 2.05
N VAL A 298 5.92 12.51 1.84
CA VAL A 298 4.88 12.49 0.79
C VAL A 298 5.01 13.81 0.03
N PHE A 299 4.79 13.71 -1.27
CA PHE A 299 5.07 14.83 -2.20
C PHE A 299 3.85 14.94 -3.06
N THR A 300 3.25 16.13 -3.20
CA THR A 300 1.95 16.22 -3.91
C THR A 300 1.94 17.52 -4.71
N TYR A 301 1.50 17.45 -5.98
CA TYR A 301 1.51 18.60 -6.90
C TYR A 301 0.19 18.65 -7.52
N VAL A 302 -0.32 19.88 -7.77
CA VAL A 302 -1.57 20.08 -8.48
C VAL A 302 -1.30 20.88 -9.75
N VAL A 303 -2.17 20.67 -10.75
CA VAL A 303 -2.20 21.52 -11.94
C VAL A 303 -3.38 22.48 -11.70
N GLU A 304 -2.96 23.77 -11.71
CA GLU A 304 -3.96 24.85 -11.52
C GLU A 304 -4.09 25.64 -12.83
N ASN A 305 -5.34 25.66 -13.30
CA ASN A 305 -5.74 26.39 -14.54
C ASN A 305 -6.92 27.34 -14.10
N ASP A 306 -6.71 28.63 -14.41
CA ASP A 306 -7.73 29.68 -14.16
C ASP A 306 -8.19 29.67 -12.70
N LYS A 307 -7.15 29.49 -11.85
CA LYS A 307 -7.29 29.45 -10.36
C LYS A 307 -8.13 28.33 -9.84
N LYS A 308 -8.29 27.22 -10.67
CA LYS A 308 -8.98 25.97 -10.28
C LYS A 308 -8.00 24.77 -10.44
N VAL A 309 -8.09 23.92 -9.43
CA VAL A 309 -7.21 22.68 -9.49
C VAL A 309 -7.92 21.72 -10.45
N THR A 310 -7.26 21.30 -11.54
CA THR A 310 -7.91 20.43 -12.48
C THR A 310 -7.24 19.02 -12.52
N ASP A 311 -6.04 18.93 -11.94
CA ASP A 311 -5.33 17.57 -11.94
C ASP A 311 -4.43 17.62 -10.79
N PHE A 312 -4.00 16.40 -10.32
CA PHE A 312 -2.92 16.38 -9.32
C PHE A 312 -2.28 14.99 -9.32
N PHE A 313 -1.11 14.94 -8.72
CA PHE A 313 -0.46 13.58 -8.47
C PHE A 313 0.25 13.66 -7.16
N SER A 314 0.49 12.48 -6.59
CA SER A 314 1.21 12.38 -5.30
C SER A 314 2.15 11.19 -5.38
N PHE A 315 3.27 11.26 -4.68
CA PHE A 315 4.15 10.06 -4.50
C PHE A 315 4.72 10.07 -3.12
N TYR A 316 5.05 8.88 -2.59
CA TYR A 316 5.64 8.80 -1.26
C TYR A 316 7.05 8.12 -1.31
N ARG A 317 7.88 8.35 -0.28
CA ARG A 317 9.23 7.85 -0.25
C ARG A 317 9.41 6.67 0.69
N ILE A 318 9.98 5.59 0.15
CA ILE A 318 10.39 4.49 1.11
C ILE A 318 11.78 4.12 0.63
N PRO A 319 12.82 4.46 1.38
CA PRO A 319 14.15 3.94 1.03
C PRO A 319 14.23 2.47 1.38
N SER A 320 15.18 1.77 0.74
CA SER A 320 15.52 0.37 1.13
C SER A 320 17.01 0.34 1.48
N THR A 321 17.33 -0.46 2.45
CA THR A 321 18.75 -0.78 2.77
C THR A 321 19.25 -1.70 1.67
N VAL A 322 20.44 -1.37 1.13
CA VAL A 322 21.12 -2.23 0.19
C VAL A 322 22.04 -3.19 1.05
N ILE A 323 21.67 -4.47 1.08
CA ILE A 323 22.27 -5.54 2.00
C ILE A 323 23.74 -5.71 1.47
N GLY A 324 24.75 -5.14 2.13
CA GLY A 324 26.12 -5.05 1.58
C GLY A 324 26.88 -4.55 0.33
N ASN A 325 26.80 -3.29 -0.09
CA ASN A 325 27.46 -2.87 -1.34
C ASN A 325 28.53 -1.77 -0.96
N SER A 326 29.71 -1.79 -1.58
CA SER A 326 30.76 -0.84 -1.09
C SER A 326 30.56 0.62 -1.43
N ASN A 327 29.72 0.89 -2.44
CA ASN A 327 29.55 2.27 -2.86
C ASN A 327 28.25 2.87 -2.30
N TYR A 328 27.23 2.02 -2.04
CA TYR A 328 25.92 2.56 -1.62
C TYR A 328 25.25 1.70 -0.51
N ASN A 329 24.66 2.41 0.42
CA ASN A 329 23.93 1.87 1.51
C ASN A 329 22.39 1.87 1.32
N LEU A 330 21.93 2.80 0.49
CA LEU A 330 20.47 3.10 0.41
C LEU A 330 19.97 3.20 -1.01
N LEU A 331 18.81 2.61 -1.30
CA LEU A 331 18.04 2.80 -2.56
C LEU A 331 16.91 3.81 -2.23
N ASN A 332 16.83 4.95 -2.95
CA ASN A 332 15.90 5.99 -2.55
C ASN A 332 14.74 5.83 -3.55
N ALA A 333 13.63 5.23 -3.16
CA ALA A 333 12.51 4.96 -4.11
C ALA A 333 11.29 5.82 -3.83
N ALA A 334 10.68 6.26 -4.92
CA ALA A 334 9.39 6.98 -4.93
C ALA A 334 8.32 6.00 -5.42
N TYR A 335 7.17 6.07 -4.78
CA TYR A 335 6.03 5.17 -5.09
C TYR A 335 4.86 6.00 -5.53
N VAL A 336 4.23 5.68 -6.64
CA VAL A 336 3.05 6.42 -7.16
C VAL A 336 1.96 6.27 -6.15
N HIS A 337 1.40 7.41 -5.71
CA HIS A 337 0.29 7.45 -4.74
C HIS A 337 -0.98 7.81 -5.49
N TYR A 338 -1.90 8.51 -4.89
CA TYR A 338 -3.09 8.92 -5.63
C TYR A 338 -2.83 10.02 -6.63
N TYR A 339 -3.74 10.07 -7.63
CA TYR A 339 -3.67 11.07 -8.72
C TYR A 339 -5.08 11.19 -9.34
N ALA A 340 -5.19 12.34 -10.08
CA ALA A 340 -6.48 12.47 -10.91
C ALA A 340 -6.18 13.36 -12.02
N ALA A 341 -6.56 13.00 -13.25
CA ALA A 341 -6.33 13.85 -14.41
C ALA A 341 -7.68 14.20 -15.03
N THR A 342 -7.88 15.50 -15.26
CA THR A 342 -9.12 15.96 -16.04
C THR A 342 -8.75 16.85 -17.22
N SER A 343 -7.59 17.44 -17.29
CA SER A 343 -7.19 18.37 -18.39
C SER A 343 -6.23 17.89 -19.40
N ILE A 344 -5.53 16.77 -19.07
CA ILE A 344 -4.41 16.26 -19.86
C ILE A 344 -4.43 14.72 -19.72
N PRO A 345 -3.74 14.05 -20.72
CA PRO A 345 -3.65 12.61 -20.67
C PRO A 345 -2.85 12.23 -19.39
N LEU A 346 -3.27 11.10 -18.84
CA LEU A 346 -2.53 10.63 -17.62
C LEU A 346 -1.05 10.53 -17.86
N HIS A 347 -0.54 10.00 -19.00
CA HIS A 347 0.86 9.98 -19.21
C HIS A 347 1.61 11.31 -19.11
N GLN A 348 0.91 12.40 -19.54
CA GLN A 348 1.56 13.67 -19.45
C GLN A 348 1.58 14.23 -17.98
N LEU A 349 0.55 13.87 -17.24
CA LEU A 349 0.50 14.21 -15.72
C LEU A 349 1.68 13.47 -15.05
N ILE A 350 1.82 12.14 -15.29
CA ILE A 350 2.76 11.29 -14.58
C ILE A 350 4.17 11.52 -15.07
N LEU A 351 4.40 12.01 -16.34
CA LEU A 351 5.76 12.44 -16.65
C LEU A 351 6.30 13.52 -15.70
N ASP A 352 5.42 14.44 -15.32
CA ASP A 352 5.89 15.45 -14.38
C ASP A 352 6.19 14.83 -12.97
N LEU A 353 5.43 13.79 -12.56
CA LEU A 353 5.83 13.05 -11.32
C LEU A 353 7.25 12.55 -11.45
N LEU A 354 7.59 11.88 -12.61
CA LEU A 354 8.95 11.37 -12.78
C LEU A 354 9.99 12.45 -12.77
N ILE A 355 9.67 13.58 -13.46
CA ILE A 355 10.61 14.78 -13.49
C ILE A 355 10.85 15.30 -12.02
N VAL A 356 9.76 15.48 -11.32
CA VAL A 356 9.93 15.99 -9.89
C VAL A 356 10.71 14.95 -9.08
N ALA A 357 10.35 13.65 -9.17
CA ALA A 357 11.09 12.69 -8.33
C ALA A 357 12.58 12.68 -8.71
N HIS A 358 12.91 12.68 -10.02
CA HIS A 358 14.28 12.66 -10.41
C HIS A 358 15.02 13.95 -9.88
N SER A 359 14.35 15.10 -9.97
CA SER A 359 15.12 16.28 -9.54
CA SER A 359 14.97 16.36 -9.51
C SER A 359 15.29 16.29 -8.02
N ARG A 360 14.43 15.58 -7.27
CA ARG A 360 14.54 15.49 -5.82
C ARG A 360 15.45 14.35 -5.41
N GLY A 361 16.16 13.69 -6.30
CA GLY A 361 17.15 12.71 -5.88
C GLY A 361 16.67 11.27 -5.74
N PHE A 362 15.50 10.95 -6.28
CA PHE A 362 15.07 9.55 -6.22
C PHE A 362 15.72 8.74 -7.26
N ASP A 363 15.96 7.47 -6.98
CA ASP A 363 16.65 6.53 -7.87
C ASP A 363 15.72 5.77 -8.77
N VAL A 364 14.46 5.55 -8.33
CA VAL A 364 13.53 4.70 -9.11
C VAL A 364 12.16 5.18 -8.66
N CYS A 365 11.17 5.04 -9.53
CA CYS A 365 9.77 5.20 -9.27
C CYS A 365 9.04 3.85 -9.39
N ASN A 366 8.37 3.48 -8.36
CA ASN A 366 7.69 2.13 -8.32
C ASN A 366 6.21 2.28 -8.28
N MET A 367 5.45 1.28 -8.76
CA MET A 367 3.97 1.24 -8.64
C MET A 367 3.53 -0.17 -8.83
N VAL A 368 2.35 -0.45 -8.42
CA VAL A 368 1.64 -1.71 -8.80
C VAL A 368 0.65 -1.30 -9.85
N GLU A 369 0.25 -2.24 -10.71
CA GLU A 369 -0.67 -1.99 -11.83
C GLU A 369 -2.12 -1.85 -11.38
N ILE A 370 -2.40 -1.16 -10.29
CA ILE A 370 -3.77 -0.76 -9.86
C ILE A 370 -4.13 0.56 -10.56
N LEU A 371 -5.36 1.01 -10.26
CA LEU A 371 -5.85 2.29 -10.83
C LEU A 371 -5.74 2.27 -12.36
N ASP A 372 -5.34 3.34 -13.02
CA ASP A 372 -5.06 3.26 -14.46
C ASP A 372 -3.58 3.31 -14.71
N ASN A 373 -2.77 2.73 -13.75
CA ASN A 373 -1.35 2.76 -13.96
C ASN A 373 -0.78 2.08 -15.22
N ARG A 374 -1.56 1.07 -15.68
CA ARG A 374 -1.13 0.43 -16.97
C ARG A 374 -1.19 1.35 -18.19
N SER A 375 -1.96 2.45 -18.07
CA SER A 375 -2.06 3.37 -19.20
CA SER A 375 -2.10 3.45 -19.17
C SER A 375 -0.86 4.24 -19.48
N PHE A 376 0.12 4.27 -18.59
CA PHE A 376 1.35 5.01 -18.92
C PHE A 376 2.67 4.24 -18.80
N VAL A 377 2.54 2.89 -18.66
CA VAL A 377 3.73 2.05 -18.48
C VAL A 377 4.65 2.21 -19.66
N GLU A 378 4.08 1.99 -20.88
CA GLU A 378 5.01 1.95 -22.06
C GLU A 378 5.51 3.29 -22.43
N GLN A 379 4.68 4.33 -22.40
CA GLN A 379 5.25 5.61 -22.90
C GLN A 379 6.27 6.17 -21.88
N LEU A 380 6.00 5.88 -20.57
CA LEU A 380 6.93 6.38 -19.52
C LEU A 380 8.02 5.43 -19.15
N LYS A 381 8.24 4.35 -19.93
CA LYS A 381 9.39 3.46 -19.72
C LYS A 381 9.44 2.80 -18.33
N PHE A 382 8.26 2.46 -17.83
CA PHE A 382 8.20 1.50 -16.67
C PHE A 382 8.45 0.09 -17.20
N GLY A 383 9.11 -0.72 -16.42
CA GLY A 383 9.32 -2.17 -16.73
C GLY A 383 8.78 -3.03 -15.59
N ALA A 384 8.15 -4.17 -15.85
CA ALA A 384 7.76 -5.11 -14.77
C ALA A 384 8.97 -5.59 -13.98
N GLY A 385 8.79 -5.63 -12.62
CA GLY A 385 9.81 -6.27 -11.80
C GLY A 385 9.48 -7.70 -11.51
N ASP A 386 10.17 -8.17 -10.45
CA ASP A 386 9.96 -9.58 -10.09
C ASP A 386 8.95 -9.80 -9.04
N GLY A 387 8.33 -8.77 -8.47
CA GLY A 387 7.38 -8.95 -7.36
C GLY A 387 5.94 -8.78 -7.87
N HIS A 388 5.03 -9.13 -6.98
CA HIS A 388 3.59 -8.95 -7.22
C HIS A 388 3.06 -8.34 -5.90
N LEU A 389 1.87 -7.72 -5.97
CA LEU A 389 1.16 -7.34 -4.74
C LEU A 389 -0.22 -8.02 -4.90
N ARG A 390 -0.63 -8.68 -3.80
CA ARG A 390 -1.91 -9.39 -3.72
C ARG A 390 -2.76 -8.67 -2.70
N TYR A 391 -4.04 -8.46 -3.03
CA TYR A 391 -4.97 -7.81 -2.17
C TYR A 391 -5.88 -8.79 -1.49
N TYR A 392 -6.16 -8.64 -0.25
CA TYR A 392 -7.00 -9.60 0.52
C TYR A 392 -7.98 -8.87 1.43
N PHE A 393 -9.13 -9.52 1.72
CA PHE A 393 -9.96 -9.12 2.79
C PHE A 393 -10.00 -10.17 3.89
N TYR A 394 -10.25 -9.75 5.12
CA TYR A 394 -10.58 -10.66 6.22
C TYR A 394 -12.07 -10.53 6.44
N ASN A 395 -12.74 -11.69 6.47
CA ASN A 395 -14.22 -11.79 6.73
C ASN A 395 -15.00 -11.05 5.63
N TRP A 396 -14.64 -11.25 4.41
CA TRP A 396 -15.43 -10.66 3.29
C TRP A 396 -15.29 -11.51 2.09
N ALA A 397 -16.38 -12.11 1.60
CA ALA A 397 -16.41 -12.77 0.32
C ALA A 397 -16.42 -11.71 -0.80
N TYR A 398 -15.64 -11.89 -1.82
CA TYR A 398 -15.54 -10.92 -2.91
C TYR A 398 -15.16 -11.65 -4.21
N PRO A 399 -15.91 -11.37 -5.27
CA PRO A 399 -15.54 -11.96 -6.53
C PRO A 399 -14.14 -11.52 -6.99
N LYS A 400 -13.42 -12.33 -7.73
CA LYS A 400 -12.11 -11.89 -8.24
C LYS A 400 -12.25 -10.75 -9.15
N ILE A 401 -11.40 -9.74 -8.96
CA ILE A 401 -11.41 -8.55 -9.84
C ILE A 401 -10.05 -8.33 -10.43
N LYS A 402 -9.94 -7.64 -11.56
CA LYS A 402 -8.66 -7.26 -12.13
C LYS A 402 -8.00 -6.17 -11.21
N PRO A 403 -6.65 -6.10 -11.25
CA PRO A 403 -6.05 -5.02 -10.39
C PRO A 403 -6.40 -3.62 -10.90
N SER A 404 -6.72 -3.49 -12.20
CA SER A 404 -7.22 -2.21 -12.70
C SER A 404 -8.56 -1.85 -12.22
N GLN A 405 -9.18 -2.64 -11.39
CA GLN A 405 -10.50 -2.29 -10.76
C GLN A 405 -10.29 -1.99 -9.27
N VAL A 406 -8.97 -1.93 -8.82
CA VAL A 406 -8.61 -1.57 -7.43
C VAL A 406 -8.03 -0.14 -7.40
N ALA A 407 -8.61 0.59 -6.44
CA ALA A 407 -8.19 2.02 -6.30
C ALA A 407 -7.63 2.27 -4.91
N LEU A 408 -7.38 1.28 -4.06
CA LEU A 408 -6.72 1.49 -2.71
C LEU A 408 -5.23 1.34 -2.84
N VAL A 409 -4.51 2.47 -2.65
CA VAL A 409 -2.99 2.41 -2.58
C VAL A 409 -2.54 2.10 -1.16
N MET A 410 -1.72 1.05 -1.05
CA MET A 410 -1.28 0.79 0.32
C MET A 410 0.22 1.23 0.45
N LEU A 411 0.41 1.83 1.60
CA LEU A 411 1.70 2.42 1.96
C LEU A 411 2.69 1.36 2.40
#